data_8C78
#
_entry.id   8C78
#
_cell.length_a   67.588
_cell.length_b   67.588
_cell.length_c   167.162
_cell.angle_alpha   90.000
_cell.angle_beta   90.000
_cell.angle_gamma   120.000
#
_symmetry.space_group_name_H-M   'P 61 2 2'
#
loop_
_entity.id
_entity.type
_entity.pdbx_description
1 polymer 'B-cell lymphoma 6 protein'
2 non-polymer (2~{S})-10-[(3-chloranyl-2-fluoranyl-pyridin-4-yl)amino]-2-cyclopropyl-3,3-bis(fluoranyl)-7-methyl-2,4-dihydro-1~{H}-[1,4]oxazepino[2,3-c]quinolin-6-one
3 non-polymer 1,2-ETHANEDIOL
4 non-polymer 'CHLORIDE ION'
5 water water
#
_entity_poly.entity_id   1
_entity_poly.type   'polypeptide(L)'
_entity_poly.pdbx_seq_one_letter_code
;GPGLDYKDDDDKENLYFQGADSCIQFTRHASDVLLNLNRLRSRDILTDVVIVVSREQFRAHKTVLMACSGLFYSIFTDQL
KCNLSVINLDPEINPEGFCILLDFMYTSRLNLREGNIMAVMATAMYLQMEHVVDTCRKFIKASE
;
_entity_poly.pdbx_strand_id   A
#
# COMPACT_ATOMS: atom_id res chain seq x y z
N LEU A 15 16.12 0.65 21.86
CA LEU A 15 14.80 0.09 22.09
C LEU A 15 13.80 1.24 22.19
N TYR A 16 14.06 2.17 23.09
CA TYR A 16 13.18 3.30 23.30
C TYR A 16 13.97 4.59 23.58
N PHE A 17 13.27 5.71 23.57
CA PHE A 17 13.84 7.02 23.81
C PHE A 17 12.82 8.01 24.39
N GLN A 18 13.29 9.17 24.84
CA GLN A 18 12.42 10.22 25.34
C GLN A 18 11.95 11.03 24.14
N GLY A 19 10.66 11.00 23.89
CA GLY A 19 10.09 11.76 22.78
C GLY A 19 10.09 13.24 23.08
N ALA A 20 9.84 14.05 22.05
CA ALA A 20 9.75 15.51 22.19
C ALA A 20 8.64 15.92 23.20
N ASP A 21 7.59 15.07 23.34
CA ASP A 21 6.51 15.28 24.30
C ASP A 21 6.79 14.68 25.69
N SER A 22 8.09 14.45 26.02
N SER A 22 8.09 14.44 26.01
CA SER A 22 8.55 13.85 27.29
CA SER A 22 8.57 13.84 27.25
C SER A 22 7.90 12.49 27.57
C SER A 22 7.91 12.49 27.56
N CYS A 23 7.52 11.75 26.51
CA CYS A 23 6.89 10.46 26.67
C CYS A 23 7.82 9.37 26.09
N ILE A 24 7.81 8.16 26.64
CA ILE A 24 8.64 7.05 26.13
C ILE A 24 8.16 6.61 24.74
N GLN A 25 9.06 6.50 23.77
N GLN A 25 9.06 6.51 23.76
CA GLN A 25 8.69 6.06 22.42
CA GLN A 25 8.69 6.07 22.42
C GLN A 25 9.57 4.90 22.00
C GLN A 25 9.56 4.89 22.03
N PHE A 26 8.98 3.87 21.38
CA PHE A 26 9.72 2.69 20.96
C PHE A 26 10.08 2.81 19.50
N THR A 27 11.39 2.89 19.22
CA THR A 27 11.96 3.15 17.90
C THR A 27 11.46 2.27 16.76
N ARG A 28 11.46 0.95 16.97
CA ARG A 28 11.11 0.02 15.91
C ARG A 28 9.64 -0.39 15.91
N HIS A 29 8.81 0.17 16.80
CA HIS A 29 7.41 -0.25 16.94
C HIS A 29 6.63 -0.20 15.63
N ALA A 30 6.58 0.96 14.95
CA ALA A 30 5.82 1.08 13.70
C ALA A 30 6.28 0.09 12.63
N SER A 31 7.60 -0.05 12.42
N SER A 31 7.60 -0.06 12.44
CA SER A 31 8.10 -0.98 11.41
CA SER A 31 8.11 -0.99 11.44
C SER A 31 7.80 -2.44 11.78
C SER A 31 7.80 -2.44 11.79
N ASP A 32 7.85 -2.77 13.08
CA ASP A 32 7.55 -4.12 13.55
C ASP A 32 6.06 -4.43 13.42
N VAL A 33 5.20 -3.43 13.64
CA VAL A 33 3.76 -3.62 13.43
C VAL A 33 3.51 -3.88 11.93
N LEU A 34 4.13 -3.09 11.05
CA LEU A 34 3.94 -3.26 9.59
C LEU A 34 4.42 -4.64 9.15
N LEU A 35 5.53 -5.10 9.73
CA LEU A 35 6.07 -6.44 9.44
C LEU A 35 5.04 -7.52 9.83
N ASN A 36 4.39 -7.37 10.97
CA ASN A 36 3.37 -8.31 11.42
C ASN A 36 2.12 -8.26 10.55
N LEU A 37 1.74 -7.06 10.10
CA LEU A 37 0.61 -6.93 9.17
C LEU A 37 0.93 -7.63 7.84
N ASN A 38 2.20 -7.53 7.38
CA ASN A 38 2.60 -8.22 6.15
C ASN A 38 2.60 -9.75 6.35
N ARG A 39 2.99 -10.23 7.54
CA ARG A 39 2.94 -11.66 7.89
C ARG A 39 1.48 -12.14 7.87
N LEU A 40 0.53 -11.35 8.42
CA LEU A 40 -0.90 -11.72 8.35
C LEU A 40 -1.35 -11.81 6.89
N ARG A 41 -0.91 -10.85 6.04
CA ARG A 41 -1.27 -10.88 4.63
C ARG A 41 -0.72 -12.14 3.93
N SER A 42 0.56 -12.47 4.16
N SER A 42 0.55 -12.47 4.16
N SER A 42 0.56 -12.47 4.17
CA SER A 42 1.21 -13.65 3.57
CA SER A 42 1.18 -13.64 3.54
CA SER A 42 1.23 -13.64 3.58
C SER A 42 0.46 -14.93 3.92
C SER A 42 0.47 -14.93 3.92
C SER A 42 0.56 -14.96 3.96
N ARG A 43 -0.02 -15.02 5.17
CA ARG A 43 -0.72 -16.20 5.63
C ARG A 43 -2.25 -16.15 5.42
N ASP A 44 -2.74 -15.09 4.75
CA ASP A 44 -4.15 -14.86 4.45
C ASP A 44 -4.99 -14.80 5.73
N ILE A 45 -4.44 -14.21 6.80
CA ILE A 45 -5.14 -14.10 8.07
C ILE A 45 -5.83 -12.76 8.23
N LEU A 46 -7.15 -12.81 8.37
N LEU A 46 -7.15 -12.81 8.36
CA LEU A 46 -8.00 -11.64 8.60
CA LEU A 46 -8.00 -11.64 8.60
C LEU A 46 -8.08 -10.69 7.42
C LEU A 46 -8.08 -10.69 7.42
N THR A 47 -7.67 -11.16 6.26
CA THR A 47 -7.76 -10.38 5.02
C THR A 47 -9.29 -10.29 4.75
N ASP A 48 -9.76 -9.11 4.38
CA ASP A 48 -11.19 -8.86 4.28
C ASP A 48 -11.64 -8.29 2.93
N VAL A 49 -10.75 -8.33 1.92
CA VAL A 49 -11.09 -7.82 0.59
C VAL A 49 -10.18 -8.47 -0.46
N VAL A 50 -10.69 -8.55 -1.68
N VAL A 50 -10.69 -8.58 -1.67
CA VAL A 50 -9.94 -9.04 -2.81
CA VAL A 50 -9.89 -9.05 -2.79
C VAL A 50 -9.94 -7.90 -3.82
C VAL A 50 -9.95 -7.93 -3.84
N ILE A 51 -8.77 -7.49 -4.27
CA ILE A 51 -8.64 -6.42 -5.24
C ILE A 51 -8.44 -7.16 -6.56
N VAL A 52 -9.33 -6.91 -7.54
CA VAL A 52 -9.25 -7.57 -8.84
C VAL A 52 -8.64 -6.59 -9.84
N VAL A 53 -7.56 -6.99 -10.47
CA VAL A 53 -6.90 -6.17 -11.46
C VAL A 53 -6.77 -7.07 -12.67
N SER A 54 -7.59 -6.82 -13.69
CA SER A 54 -7.65 -7.66 -14.89
C SER A 54 -7.91 -9.10 -14.47
N ARG A 55 -7.03 -10.00 -14.86
CA ARG A 55 -7.22 -11.39 -14.50
C ARG A 55 -6.66 -11.77 -13.11
N GLU A 56 -6.02 -10.81 -12.45
CA GLU A 56 -5.38 -11.06 -11.17
C GLU A 56 -6.17 -10.64 -9.94
N GLN A 57 -5.98 -11.39 -8.87
CA GLN A 57 -6.63 -11.15 -7.60
C GLN A 57 -5.59 -10.98 -6.51
N PHE A 58 -5.79 -10.01 -5.65
CA PHE A 58 -4.85 -9.71 -4.56
C PHE A 58 -5.65 -9.57 -3.26
N ARG A 59 -5.38 -10.42 -2.28
CA ARG A 59 -6.06 -10.35 -0.99
C ARG A 59 -5.32 -9.36 -0.08
N ALA A 60 -6.07 -8.59 0.70
CA ALA A 60 -5.49 -7.58 1.57
C ALA A 60 -6.40 -7.17 2.72
N HIS A 61 -5.92 -6.25 3.54
CA HIS A 61 -6.68 -5.71 4.65
C HIS A 61 -7.12 -4.31 4.27
N LYS A 62 -8.40 -4.04 4.39
CA LYS A 62 -8.94 -2.75 3.99
C LYS A 62 -8.27 -1.60 4.74
N THR A 63 -8.04 -1.76 6.04
CA THR A 63 -7.39 -0.70 6.82
C THR A 63 -6.02 -0.33 6.31
N VAL A 64 -5.21 -1.33 5.88
CA VAL A 64 -3.90 -1.04 5.34
C VAL A 64 -4.03 -0.32 3.99
N LEU A 65 -4.94 -0.79 3.14
CA LEU A 65 -5.18 -0.13 1.83
C LEU A 65 -5.61 1.33 2.01
N MET A 66 -6.51 1.59 2.96
CA MET A 66 -6.97 2.94 3.26
C MET A 66 -5.82 3.79 3.78
N ALA A 67 -5.01 3.23 4.70
CA ALA A 67 -3.88 3.96 5.26
C ALA A 67 -2.84 4.32 4.19
N CYS A 68 -2.82 3.59 3.05
CA CYS A 68 -1.78 3.75 2.01
C CYS A 68 -2.27 4.28 0.69
N SER A 69 -3.51 4.79 0.61
CA SER A 69 -4.05 5.21 -0.69
C SER A 69 -5.23 6.16 -0.55
N GLY A 70 -5.17 7.29 -1.24
CA GLY A 70 -6.30 8.22 -1.27
C GLY A 70 -7.51 7.60 -1.93
N LEU A 71 -7.29 6.75 -2.96
CA LEU A 71 -8.40 6.09 -3.65
C LEU A 71 -9.11 5.09 -2.72
N PHE A 72 -8.33 4.19 -2.07
CA PHE A 72 -8.93 3.21 -1.16
C PHE A 72 -9.55 3.87 0.06
N TYR A 73 -8.99 5.00 0.52
CA TYR A 73 -9.53 5.74 1.64
C TYR A 73 -10.94 6.25 1.26
N SER A 74 -11.09 6.81 0.05
N SER A 74 -11.08 6.80 0.06
CA SER A 74 -12.38 7.27 -0.42
CA SER A 74 -12.36 7.29 -0.45
C SER A 74 -13.37 6.10 -0.61
C SER A 74 -13.36 6.13 -0.64
N ILE A 75 -12.90 5.00 -1.19
CA ILE A 75 -13.77 3.85 -1.42
C ILE A 75 -14.32 3.24 -0.13
N PHE A 76 -13.44 2.95 0.84
CA PHE A 76 -13.86 2.26 2.05
C PHE A 76 -14.50 3.18 3.11
N THR A 77 -14.50 4.50 2.90
CA THR A 77 -15.27 5.41 3.78
C THR A 77 -16.69 5.64 3.20
N ASP A 78 -16.99 5.11 2.00
CA ASP A 78 -18.30 5.24 1.40
C ASP A 78 -19.19 4.20 2.07
N GLN A 79 -20.35 4.62 2.56
CA GLN A 79 -21.24 3.73 3.30
C GLN A 79 -21.70 2.50 2.53
N LEU A 80 -21.89 2.66 1.23
CA LEU A 80 -22.23 1.53 0.39
C LEU A 80 -21.07 0.56 0.13
N LYS A 81 -19.94 1.11 -0.25
CA LYS A 81 -18.71 0.38 -0.60
C LYS A 81 -17.91 -0.27 0.52
N CYS A 82 -17.95 0.33 1.68
CA CYS A 82 -17.19 -0.12 2.85
C CYS A 82 -17.43 -1.60 3.16
N ASN A 83 -18.58 -2.16 2.76
CA ASN A 83 -18.89 -3.55 3.03
C ASN A 83 -18.64 -4.52 1.88
N LEU A 84 -18.15 -4.03 0.73
CA LEU A 84 -17.89 -4.93 -0.40
C LEU A 84 -16.67 -5.81 -0.10
N SER A 85 -16.75 -7.10 -0.43
CA SER A 85 -15.65 -8.05 -0.26
C SER A 85 -14.74 -8.08 -1.51
N VAL A 86 -15.22 -7.56 -2.64
CA VAL A 86 -14.48 -7.54 -3.90
C VAL A 86 -14.47 -6.10 -4.44
N ILE A 87 -13.30 -5.62 -4.84
CA ILE A 87 -13.15 -4.31 -5.44
C ILE A 87 -12.45 -4.49 -6.75
N ASN A 88 -13.08 -4.06 -7.85
CA ASN A 88 -12.50 -4.18 -9.16
C ASN A 88 -11.82 -2.86 -9.55
N LEU A 89 -10.56 -2.93 -9.91
CA LEU A 89 -9.86 -1.74 -10.37
C LEU A 89 -10.11 -1.50 -11.86
N ASP A 90 -9.82 -0.29 -12.35
CA ASP A 90 -9.91 0.09 -13.76
C ASP A 90 -9.12 -0.93 -14.60
N PRO A 91 -9.75 -1.53 -15.62
CA PRO A 91 -9.08 -2.56 -16.42
C PRO A 91 -7.79 -2.12 -17.11
N GLU A 92 -7.55 -0.80 -17.20
CA GLU A 92 -6.31 -0.25 -17.74
C GLU A 92 -5.13 -0.46 -16.77
N ILE A 93 -5.39 -0.69 -15.47
CA ILE A 93 -4.34 -0.88 -14.47
C ILE A 93 -3.53 -2.14 -14.69
N ASN A 94 -2.21 -1.97 -14.69
CA ASN A 94 -1.29 -3.07 -14.88
C ASN A 94 -1.16 -3.86 -13.58
N PRO A 95 -1.44 -5.19 -13.64
CA PRO A 95 -1.35 -6.02 -12.41
C PRO A 95 0.01 -6.02 -11.71
N GLU A 96 1.12 -6.03 -12.48
CA GLU A 96 2.45 -6.01 -11.87
C GLU A 96 2.67 -4.66 -11.14
N GLY A 97 2.23 -3.56 -11.75
CA GLY A 97 2.32 -2.23 -11.15
C GLY A 97 1.56 -2.18 -9.83
N PHE A 98 0.36 -2.80 -9.81
CA PHE A 98 -0.42 -2.90 -8.56
C PHE A 98 0.30 -3.77 -7.52
N CYS A 99 0.81 -4.94 -7.92
CA CYS A 99 1.51 -5.86 -7.03
C CYS A 99 2.70 -5.17 -6.34
N ILE A 100 3.49 -4.39 -7.11
CA ILE A 100 4.64 -3.65 -6.58
C ILE A 100 4.19 -2.63 -5.53
N LEU A 101 3.10 -1.93 -5.79
CA LEU A 101 2.60 -0.94 -4.85
C LEU A 101 1.98 -1.59 -3.63
N LEU A 102 1.29 -2.72 -3.80
CA LEU A 102 0.70 -3.44 -2.65
C LEU A 102 1.83 -3.92 -1.72
N ASP A 103 2.91 -4.43 -2.32
CA ASP A 103 4.10 -4.82 -1.55
C ASP A 103 4.69 -3.63 -0.80
N PHE A 104 4.78 -2.47 -1.47
CA PHE A 104 5.28 -1.24 -0.85
C PHE A 104 4.40 -0.85 0.35
N MET A 105 3.07 -0.92 0.21
CA MET A 105 2.17 -0.57 1.33
C MET A 105 2.50 -1.34 2.61
N TYR A 106 2.74 -2.64 2.46
CA TYR A 106 3.03 -3.54 3.58
C TYR A 106 4.49 -3.63 4.01
N THR A 107 5.43 -2.95 3.32
CA THR A 107 6.85 -3.09 3.69
C THR A 107 7.69 -1.81 3.73
N SER A 108 7.22 -0.72 3.09
N SER A 108 7.21 -0.74 3.08
CA SER A 108 7.95 0.55 2.90
CA SER A 108 7.93 0.53 2.86
C SER A 108 8.98 0.44 1.73
C SER A 108 8.97 0.44 1.73
N ARG A 109 9.11 -0.73 1.09
CA ARG A 109 10.08 -0.94 0.03
C ARG A 109 9.43 -0.90 -1.32
N LEU A 110 9.93 -0.05 -2.20
CA LEU A 110 9.38 0.16 -3.53
C LEU A 110 10.33 -0.40 -4.59
N ASN A 111 9.99 -1.54 -5.19
CA ASN A 111 10.86 -2.18 -6.16
C ASN A 111 10.73 -1.54 -7.56
N LEU A 112 11.26 -0.33 -7.74
CA LEU A 112 11.20 0.35 -9.04
C LEU A 112 12.30 -0.17 -9.93
N ARG A 113 11.95 -0.46 -11.18
CA ARG A 113 12.89 -0.90 -12.22
C ARG A 113 12.55 -0.17 -13.53
N GLU A 114 13.52 -0.07 -14.45
CA GLU A 114 13.33 0.58 -15.75
C GLU A 114 12.10 0.04 -16.49
N GLY A 115 11.93 -1.28 -16.48
CA GLY A 115 10.81 -1.95 -17.11
C GLY A 115 9.44 -1.87 -16.45
N ASN A 116 9.35 -1.36 -15.20
CA ASN A 116 8.05 -1.27 -14.54
C ASN A 116 7.66 0.15 -14.09
N ILE A 117 8.61 1.11 -14.12
CA ILE A 117 8.40 2.45 -13.56
C ILE A 117 7.21 3.21 -14.17
N MET A 118 6.93 3.08 -15.50
CA MET A 118 5.77 3.77 -16.07
C MET A 118 4.47 3.20 -15.51
N ALA A 119 4.37 1.86 -15.42
CA ALA A 119 3.14 1.23 -14.89
C ALA A 119 2.98 1.50 -13.42
N VAL A 120 4.09 1.52 -12.66
CA VAL A 120 4.02 1.81 -11.22
C VAL A 120 3.55 3.25 -11.03
N MET A 121 4.10 4.19 -11.81
CA MET A 121 3.70 5.58 -11.71
C MET A 121 2.23 5.78 -12.08
N ALA A 122 1.76 5.16 -13.17
CA ALA A 122 0.36 5.29 -13.59
C ALA A 122 -0.56 4.71 -12.50
N THR A 123 -0.17 3.57 -11.92
CA THR A 123 -0.93 2.93 -10.86
C THR A 123 -0.95 3.80 -9.60
N ALA A 124 0.21 4.38 -9.23
CA ALA A 124 0.27 5.25 -8.04
C ALA A 124 -0.59 6.52 -8.22
N MET A 125 -0.71 7.02 -9.46
CA MET A 125 -1.56 8.19 -9.74
C MET A 125 -3.04 7.82 -9.52
N TYR A 126 -3.44 6.68 -10.07
CA TYR A 126 -4.80 6.15 -9.92
C TYR A 126 -5.12 5.88 -8.43
N LEU A 127 -4.16 5.29 -7.69
CA LEU A 127 -4.39 4.99 -6.27
C LEU A 127 -4.22 6.20 -5.34
N GLN A 128 -3.74 7.35 -5.87
CA GLN A 128 -3.47 8.54 -5.07
C GLN A 128 -2.41 8.28 -4.01
N MET A 129 -1.19 7.95 -4.45
CA MET A 129 -0.03 7.70 -3.58
C MET A 129 0.98 8.71 -4.11
N GLU A 130 0.82 9.96 -3.68
CA GLU A 130 1.49 11.11 -4.25
C GLU A 130 3.01 11.18 -4.10
N HIS A 131 3.61 10.83 -2.93
CA HIS A 131 5.07 10.81 -2.83
C HIS A 131 5.66 9.75 -3.75
N VAL A 132 4.95 8.59 -3.94
CA VAL A 132 5.39 7.56 -4.87
C VAL A 132 5.42 8.12 -6.31
N VAL A 133 4.36 8.82 -6.72
CA VAL A 133 4.30 9.46 -8.06
C VAL A 133 5.48 10.43 -8.24
N ASP A 134 5.70 11.30 -7.25
CA ASP A 134 6.81 12.27 -7.30
C ASP A 134 8.16 11.58 -7.43
N THR A 135 8.38 10.47 -6.71
CA THR A 135 9.62 9.70 -6.76
C THR A 135 9.81 9.10 -8.14
N CYS A 136 8.73 8.51 -8.71
CA CYS A 136 8.76 7.95 -10.06
C CYS A 136 9.15 9.03 -11.07
N ARG A 137 8.54 10.22 -10.96
CA ARG A 137 8.86 11.33 -11.87
C ARG A 137 10.34 11.71 -11.81
N LYS A 138 10.93 11.79 -10.61
CA LYS A 138 12.35 12.11 -10.46
C LYS A 138 13.26 11.07 -11.10
N PHE A 139 12.96 9.78 -10.91
CA PHE A 139 13.77 8.71 -11.48
C PHE A 139 13.66 8.68 -12.99
N ILE A 140 12.47 9.00 -13.54
CA ILE A 140 12.28 9.06 -14.99
C ILE A 140 13.07 10.24 -15.55
N LYS A 141 12.94 11.41 -14.91
CA LYS A 141 13.63 12.64 -15.30
C LYS A 141 15.16 12.45 -15.36
N ALA A 142 15.73 11.72 -14.39
CA ALA A 142 17.16 11.44 -14.35
C ALA A 142 17.64 10.54 -15.50
N SER A 143 16.75 9.72 -16.06
CA SER A 143 17.07 8.83 -17.18
C SER A 143 16.92 9.49 -18.55
N GLU A 144 16.20 10.63 -18.64
CA GLU A 144 16.00 11.34 -19.89
C GLU A 144 17.21 12.20 -20.27
#